data_1UN1
#
_entry.id   1UN1
#
_cell.length_a   188.762
_cell.length_b   188.762
_cell.length_c   45.973
_cell.angle_alpha   90.00
_cell.angle_beta   90.00
_cell.angle_gamma   120.00
#
_symmetry.space_group_name_H-M   'P 63'
#
loop_
_entity.id
_entity.type
_entity.pdbx_description
1 polymer 'XYLOGLUCAN ENDOTRANSGLYCOSYLASE'
2 branched beta-D-mannopyranose-(1-4)-2-acetamido-2-deoxy-beta-D-glucopyranose-(1-4)-2-acetamido-2-deoxy-beta-D-glucopyranose
3 non-polymer 'GOLD ION'
4 water water
#
_entity_poly.entity_id   1
_entity_poly.type   'polypeptide(L)'
_entity_poly.pdbx_seq_one_letter_code
;(UNK)ETAAFAALRKPVDVAFGRNYVPTWAFDHIKYFNGGNEIQLHLDKYTGTGFQSKGSYLFGHFSMQMKLVPGDSAGT
VTAFYLSSQNSEHDEIDFEFLGNRTGQPYILQTNVFTGGKGDREQRIYLWFDPTKEFHYYSVLWNMYMIVFLVDDVPIRV
FKNCKDLGVKFPFNQPMKIYSSLWNADDWATRGGLEKTDWSKAPFIASYRSFHIDGCEASVEAKFCATQGARWWDQKEFQ
DLDAFQYRRLSWVRQKYTIYNYCTDRSRYPSMPPECKRDRDI
;
_entity_poly.pdbx_strand_id   A,B
#
loop_
_chem_comp.id
_chem_comp.type
_chem_comp.name
_chem_comp.formula
AU non-polymer 'GOLD ION' 'Au 1'
BMA D-saccharide, beta linking beta-D-mannopyranose 'C6 H12 O6'
NAG D-saccharide, beta linking 2-acetamido-2-deoxy-beta-D-glucopyranose 'C8 H15 N O6'
#
# COMPACT_ATOMS: atom_id res chain seq x y z
N PRO A 12 -17.25 12.40 6.31
CA PRO A 12 -17.69 13.58 5.49
C PRO A 12 -19.13 13.44 4.97
N VAL A 13 -19.96 14.47 5.19
CA VAL A 13 -21.36 14.47 4.72
C VAL A 13 -21.56 15.37 3.48
N ASP A 14 -22.33 14.93 2.47
CA ASP A 14 -22.53 15.56 1.18
C ASP A 14 -23.58 16.69 1.24
N VAL A 15 -23.12 17.90 0.99
CA VAL A 15 -24.05 19.02 0.82
C VAL A 15 -24.01 19.50 -0.63
N ALA A 16 -24.85 20.49 -0.94
CA ALA A 16 -24.87 21.13 -2.26
C ALA A 16 -23.74 22.17 -2.38
N PHE A 17 -23.23 22.33 -3.60
CA PHE A 17 -22.15 23.26 -3.92
C PHE A 17 -22.38 24.66 -3.34
N GLY A 18 -23.57 25.21 -3.58
CA GLY A 18 -23.88 26.59 -3.24
C GLY A 18 -24.05 26.88 -1.76
N ARG A 19 -24.14 25.84 -0.95
CA ARG A 19 -24.05 26.04 0.50
C ARG A 19 -22.68 26.66 0.91
N ASN A 20 -21.60 26.13 0.36
CA ASN A 20 -20.24 26.47 0.84
C ASN A 20 -19.32 27.23 -0.13
N TYR A 21 -19.67 27.20 -1.43
CA TYR A 21 -18.79 27.62 -2.52
C TYR A 21 -19.47 28.61 -3.48
N VAL A 22 -18.66 29.48 -4.10
CA VAL A 22 -19.08 30.34 -5.20
C VAL A 22 -18.09 30.26 -6.38
N PRO A 23 -18.61 30.30 -7.60
CA PRO A 23 -17.76 30.40 -8.80
C PRO A 23 -17.07 31.75 -8.85
N THR A 24 -15.85 31.80 -9.35
CA THR A 24 -15.19 33.10 -9.51
C THR A 24 -14.71 33.45 -10.91
N TRP A 25 -14.71 32.50 -11.84
CA TRP A 25 -14.32 32.76 -13.21
C TRP A 25 -15.04 31.80 -14.14
N ALA A 26 -15.55 32.38 -15.24
CA ALA A 26 -16.21 31.63 -16.33
C ALA A 26 -17.37 30.80 -15.80
N PHE A 27 -18.40 31.53 -15.39
CA PHE A 27 -19.59 30.98 -14.75
C PHE A 27 -20.27 29.97 -15.64
N ASP A 28 -20.20 30.18 -16.95
CA ASP A 28 -20.84 29.24 -17.87
C ASP A 28 -20.08 27.93 -18.09
N HIS A 29 -18.88 27.82 -17.52
CA HIS A 29 -18.06 26.62 -17.60
C HIS A 29 -18.17 25.72 -16.40
N ILE A 30 -19.06 26.08 -15.47
CA ILE A 30 -19.40 25.23 -14.38
C ILE A 30 -20.84 24.79 -14.62
N LYS A 31 -21.03 23.47 -14.76
CA LYS A 31 -22.35 22.88 -14.96
C LYS A 31 -22.82 22.26 -13.67
N TYR A 32 -24.05 22.58 -13.26
CA TYR A 32 -24.66 22.12 -12.01
C TYR A 32 -25.65 20.98 -12.29
N PHE A 33 -25.52 19.87 -11.56
CA PHE A 33 -26.41 18.72 -11.70
C PHE A 33 -27.02 18.41 -10.35
N ASN A 34 -28.23 17.89 -10.39
CA ASN A 34 -28.99 17.45 -9.20
C ASN A 34 -28.98 18.46 -8.04
N GLY A 35 -29.37 19.68 -8.32
CA GLY A 35 -29.45 20.76 -7.34
C GLY A 35 -28.09 21.28 -6.89
N GLY A 36 -27.04 20.94 -7.64
CA GLY A 36 -25.72 21.38 -7.26
C GLY A 36 -25.01 20.32 -6.40
N ASN A 37 -25.54 19.09 -6.38
CA ASN A 37 -24.92 18.01 -5.59
C ASN A 37 -23.76 17.42 -6.37
N GLU A 38 -23.70 17.70 -7.66
CA GLU A 38 -22.58 17.34 -8.51
C GLU A 38 -22.35 18.52 -9.47
N ILE A 39 -21.08 18.87 -9.70
CA ILE A 39 -20.72 19.90 -10.68
C ILE A 39 -19.61 19.39 -11.59
N GLN A 40 -19.53 20.00 -12.77
CA GLN A 40 -18.47 19.76 -13.74
C GLN A 40 -17.81 21.10 -14.06
N LEU A 41 -16.48 21.11 -14.10
CA LEU A 41 -15.71 22.26 -14.56
C LEU A 41 -15.24 21.88 -15.93
N HIS A 42 -15.34 22.83 -16.86
CA HIS A 42 -14.92 22.63 -18.25
C HIS A 42 -13.78 23.55 -18.58
N LEU A 43 -12.89 23.06 -19.42
CA LEU A 43 -11.73 23.78 -19.86
C LEU A 43 -11.72 23.70 -21.37
N ASP A 44 -11.55 24.85 -22.03
CA ASP A 44 -11.26 24.85 -23.45
C ASP A 44 -10.16 25.84 -23.76
N LYS A 45 -9.87 26.01 -25.04
CA LYS A 45 -8.74 26.83 -25.43
C LYS A 45 -8.87 28.28 -25.01
N TYR A 46 -10.08 28.74 -24.75
CA TYR A 46 -10.30 30.14 -24.31
C TYR A 46 -10.24 30.36 -22.79
N THR A 47 -10.69 29.38 -22.03
CA THR A 47 -10.77 29.53 -20.58
C THR A 47 -10.94 28.21 -19.85
N GLY A 48 -10.40 28.19 -18.64
CA GLY A 48 -10.77 27.21 -17.65
C GLY A 48 -11.73 27.87 -16.72
N THR A 49 -11.79 27.36 -15.50
CA THR A 49 -12.69 27.87 -14.53
C THR A 49 -12.24 27.54 -13.10
N GLY A 50 -12.91 28.15 -12.14
CA GLY A 50 -12.57 27.94 -10.74
C GLY A 50 -13.63 28.45 -9.79
N PHE A 51 -13.52 28.01 -8.55
CA PHE A 51 -14.43 28.36 -7.48
C PHE A 51 -13.69 28.43 -6.15
N GLN A 52 -14.32 29.02 -5.16
CA GLN A 52 -13.72 29.18 -3.84
C GLN A 52 -14.79 29.14 -2.78
N SER A 53 -14.38 28.83 -1.55
CA SER A 53 -15.31 28.81 -0.43
C SER A 53 -15.79 30.23 -0.12
N LYS A 54 -17.04 30.34 0.30
CA LYS A 54 -17.58 31.59 0.85
C LYS A 54 -16.84 31.98 2.13
N GLY A 55 -16.57 31.02 3.00
CA GLY A 55 -15.86 31.27 4.26
C GLY A 55 -14.33 31.11 4.23
N SER A 56 -13.68 31.65 5.27
CA SER A 56 -12.27 31.46 5.59
C SER A 56 -12.16 30.70 6.89
N TYR A 57 -11.17 29.81 6.99
CA TYR A 57 -11.06 28.84 8.08
C TYR A 57 -9.65 28.81 8.62
N LEU A 58 -9.54 28.63 9.93
CA LEU A 58 -8.29 28.36 10.59
C LEU A 58 -8.41 27.01 11.30
N PHE A 59 -7.83 25.98 10.70
CA PHE A 59 -7.98 24.57 11.08
C PHE A 59 -9.30 23.91 10.69
N GLY A 60 -9.27 22.61 10.47
CA GLY A 60 -10.48 21.88 10.15
C GLY A 60 -10.23 20.67 9.28
N HIS A 61 -11.33 20.14 8.77
CA HIS A 61 -11.36 18.96 7.92
C HIS A 61 -12.09 19.34 6.61
N PHE A 62 -11.39 19.26 5.49
CA PHE A 62 -11.88 19.75 4.19
C PHE A 62 -11.77 18.58 3.24
N SER A 63 -12.86 18.26 2.59
CA SER A 63 -12.95 17.08 1.75
C SER A 63 -13.78 17.35 0.48
N MET A 64 -13.33 16.75 -0.61
CA MET A 64 -13.98 16.87 -1.90
C MET A 64 -13.92 15.52 -2.56
N GLN A 65 -15.04 15.08 -3.16
CA GLN A 65 -15.00 13.92 -4.05
C GLN A 65 -14.76 14.42 -5.44
N MET A 66 -13.83 13.81 -6.15
CA MET A 66 -13.51 14.26 -7.47
C MET A 66 -13.33 13.07 -8.39
N LYS A 67 -13.68 13.31 -9.64
CA LYS A 67 -13.45 12.38 -10.72
C LYS A 67 -12.79 13.19 -11.83
N LEU A 68 -11.61 12.77 -12.22
CA LEU A 68 -10.74 13.56 -13.04
C LEU A 68 -11.09 13.49 -14.54
N VAL A 69 -10.42 14.33 -15.32
CA VAL A 69 -10.62 14.42 -16.79
C VAL A 69 -10.29 13.08 -17.46
N PRO A 70 -11.26 12.45 -18.12
CA PRO A 70 -11.07 11.16 -18.79
C PRO A 70 -10.38 11.31 -20.13
N GLY A 71 -10.02 10.17 -20.73
CA GLY A 71 -9.35 10.17 -22.02
C GLY A 71 -8.06 10.94 -21.99
N ASP A 72 -7.86 11.78 -23.00
CA ASP A 72 -6.65 12.59 -23.10
C ASP A 72 -6.80 13.86 -22.25
N SER A 73 -5.95 13.99 -21.24
CA SER A 73 -5.96 15.11 -20.29
C SER A 73 -4.58 15.75 -20.20
N ALA A 74 -3.76 15.50 -21.22
CA ALA A 74 -2.38 15.97 -21.22
C ALA A 74 -2.38 17.48 -21.19
N GLY A 75 -1.50 18.00 -20.35
CA GLY A 75 -1.31 19.43 -20.20
C GLY A 75 -2.32 20.12 -19.33
N THR A 76 -3.26 19.38 -18.71
CA THR A 76 -4.22 19.98 -17.81
C THR A 76 -3.81 19.79 -16.36
N VAL A 77 -4.22 20.73 -15.53
CA VAL A 77 -4.05 20.68 -14.10
C VAL A 77 -5.36 20.99 -13.43
N THR A 78 -5.77 20.08 -12.55
CA THR A 78 -6.93 20.28 -11.73
C THR A 78 -6.41 20.45 -10.34
N ALA A 79 -6.74 21.55 -9.70
CA ALA A 79 -6.20 21.87 -8.40
C ALA A 79 -7.28 22.01 -7.37
N PHE A 80 -6.99 21.52 -6.18
CA PHE A 80 -7.86 21.60 -5.02
C PHE A 80 -6.95 21.98 -3.87
N TYR A 81 -7.15 23.17 -3.29
CA TYR A 81 -6.20 23.71 -2.36
C TYR A 81 -6.79 24.69 -1.40
N LEU A 82 -6.11 24.84 -0.26
CA LEU A 82 -6.39 25.91 0.68
C LEU A 82 -5.30 26.95 0.54
N SER A 83 -5.66 28.24 0.62
CA SER A 83 -4.65 29.30 0.65
C SER A 83 -5.11 30.53 1.46
N SER A 84 -4.18 31.18 2.15
CA SER A 84 -4.46 32.48 2.76
C SER A 84 -4.26 33.54 1.69
N GLN A 85 -4.48 34.79 2.05
CA GLN A 85 -4.67 35.87 1.08
C GLN A 85 -3.64 37.01 1.14
N ASN A 86 -2.91 37.19 2.23
CA ASN A 86 -1.93 38.30 2.28
C ASN A 86 -0.62 37.83 1.67
N SER A 87 0.37 38.72 1.63
CA SER A 87 1.77 38.36 1.35
C SER A 87 2.26 37.41 2.47
N GLU A 88 3.37 36.73 2.23
CA GLU A 88 3.85 35.67 3.13
C GLU A 88 2.77 34.60 3.41
N HIS A 89 2.12 34.17 2.33
CA HIS A 89 0.92 33.32 2.40
C HIS A 89 1.21 31.87 2.75
N ASP A 90 0.23 31.21 3.34
CA ASP A 90 0.24 29.77 3.57
C ASP A 90 -0.67 29.10 2.53
N GLU A 91 -0.36 27.87 2.16
CA GLU A 91 -1.10 27.13 1.16
C GLU A 91 -0.86 25.63 1.30
N ILE A 92 -1.92 24.83 1.12
CA ILE A 92 -1.87 23.38 1.13
C ILE A 92 -2.51 22.92 -0.20
N ASP A 93 -1.76 22.23 -1.06
CA ASP A 93 -2.17 21.97 -2.45
C ASP A 93 -2.26 20.49 -2.85
N PHE A 94 -3.35 20.15 -3.55
CA PHE A 94 -3.41 18.97 -4.43
C PHE A 94 -3.44 19.53 -5.86
N GLU A 95 -2.60 19.01 -6.73
CA GLU A 95 -2.64 19.31 -8.15
C GLU A 95 -2.58 17.98 -8.92
N PHE A 96 -3.62 17.70 -9.70
CA PHE A 96 -3.70 16.51 -10.55
C PHE A 96 -3.25 16.89 -11.98
N LEU A 97 -2.17 16.24 -12.43
CA LEU A 97 -1.56 16.50 -13.71
C LEU A 97 -1.91 15.35 -14.66
N GLY A 98 -2.60 15.71 -15.75
CA GLY A 98 -3.19 14.78 -16.67
C GLY A 98 -2.15 14.19 -17.64
N ASN A 99 -2.65 13.36 -18.54
CA ASN A 99 -1.76 12.61 -19.44
C ASN A 99 -2.47 12.20 -20.73
N ARG A 100 -1.66 11.82 -21.72
CA ARG A 100 -2.18 11.12 -22.91
C ARG A 100 -3.05 9.93 -22.50
N THR A 101 -3.93 9.50 -23.40
CA THR A 101 -4.88 8.44 -23.11
C THR A 101 -4.15 7.17 -22.69
N GLY A 102 -4.67 6.53 -21.65
CA GLY A 102 -4.09 5.30 -21.14
C GLY A 102 -2.80 5.47 -20.38
N GLN A 103 -2.37 6.72 -20.15
CA GLN A 103 -1.17 6.97 -19.36
C GLN A 103 -1.58 7.61 -18.02
N PRO A 104 -0.80 7.41 -16.96
CA PRO A 104 -1.28 7.69 -15.61
C PRO A 104 -1.22 9.16 -15.20
N TYR A 105 -2.23 9.61 -14.46
CA TYR A 105 -2.20 10.90 -13.77
C TYR A 105 -1.09 10.92 -12.72
N ILE A 106 -0.56 12.10 -12.43
CA ILE A 106 0.20 12.35 -11.22
C ILE A 106 -0.61 13.20 -10.26
N LEU A 107 -0.59 12.82 -8.99
CA LEU A 107 -1.06 13.70 -7.92
C LEU A 107 0.15 14.37 -7.26
N GLN A 108 0.24 15.69 -7.42
CA GLN A 108 1.28 16.47 -6.80
C GLN A 108 0.72 17.20 -5.59
N THR A 109 1.41 17.07 -4.46
CA THR A 109 1.11 17.89 -3.29
C THR A 109 2.22 18.87 -2.98
N ASN A 110 1.87 19.88 -2.20
CA ASN A 110 2.77 20.99 -1.87
C ASN A 110 2.23 21.71 -0.64
N VAL A 111 3.14 22.34 0.09
CA VAL A 111 2.80 23.13 1.26
C VAL A 111 3.64 24.40 1.26
N PHE A 112 2.99 25.55 1.31
CA PHE A 112 3.64 26.85 1.41
C PHE A 112 3.45 27.38 2.84
N THR A 113 4.53 27.94 3.39
CA THR A 113 4.52 28.62 4.68
C THR A 113 5.28 29.91 4.57
N GLY A 114 4.69 31.01 5.03
CA GLY A 114 5.32 32.31 4.91
C GLY A 114 5.73 32.67 3.49
N GLY A 115 5.02 32.18 2.48
CA GLY A 115 5.26 32.55 1.11
C GLY A 115 6.25 31.66 0.39
N LYS A 116 6.82 30.69 1.08
CA LYS A 116 7.79 29.78 0.52
C LYS A 116 7.21 28.35 0.42
N GLY A 117 7.17 27.84 -0.80
CA GLY A 117 6.80 26.47 -1.07
C GLY A 117 7.99 25.56 -1.32
N ASP A 118 8.08 25.04 -2.54
CA ASP A 118 9.14 24.12 -2.98
C ASP A 118 9.22 22.87 -2.15
N ARG A 119 8.07 22.39 -1.71
CA ARG A 119 7.97 21.13 -1.02
C ARG A 119 7.10 20.13 -1.82
N GLU A 120 7.32 20.05 -3.11
CA GLU A 120 6.56 19.11 -3.97
C GLU A 120 6.80 17.64 -3.65
N GLN A 121 5.74 16.88 -3.61
CA GLN A 121 5.80 15.43 -3.72
C GLN A 121 4.85 15.01 -4.83
N ARG A 122 5.20 13.96 -5.60
CA ARG A 122 4.37 13.45 -6.71
C ARG A 122 4.19 11.95 -6.56
N ILE A 123 2.94 11.50 -6.65
CA ILE A 123 2.59 10.09 -6.61
C ILE A 123 1.69 9.69 -7.77
N TYR A 124 1.71 8.39 -8.09
CA TYR A 124 0.70 7.72 -8.87
C TYR A 124 -0.36 7.21 -7.92
N LEU A 125 -1.56 6.97 -8.44
CA LEU A 125 -2.64 6.47 -7.61
C LEU A 125 -2.83 4.98 -7.84
N TRP A 126 -3.55 4.35 -6.93
CA TRP A 126 -3.78 2.89 -6.92
C TRP A 126 -5.17 2.54 -7.46
N PHE A 127 -5.64 3.38 -8.37
CA PHE A 127 -6.94 3.29 -9.01
C PHE A 127 -6.92 4.29 -10.19
N ASP A 128 -7.88 4.14 -11.08
CA ASP A 128 -8.06 5.06 -12.19
C ASP A 128 -8.85 6.25 -11.66
N PRO A 129 -8.23 7.40 -11.47
CA PRO A 129 -8.94 8.56 -10.90
C PRO A 129 -10.03 9.18 -11.82
N THR A 130 -10.06 8.77 -13.09
CA THR A 130 -11.09 9.20 -14.04
C THR A 130 -12.35 8.33 -14.11
N LYS A 131 -12.33 7.16 -13.49
CA LYS A 131 -13.42 6.19 -13.64
C LYS A 131 -14.48 6.35 -12.58
N GLU A 132 -14.08 6.71 -11.35
CA GLU A 132 -15.02 6.89 -10.25
C GLU A 132 -14.66 8.13 -9.42
N PHE A 133 -15.62 8.56 -8.62
CA PHE A 133 -15.38 9.58 -7.60
C PHE A 133 -14.55 9.00 -6.45
N HIS A 134 -13.54 9.73 -6.01
CA HIS A 134 -12.75 9.37 -4.81
C HIS A 134 -12.69 10.59 -3.93
N TYR A 135 -12.48 10.39 -2.63
CA TYR A 135 -12.31 11.49 -1.69
C TYR A 135 -10.89 11.99 -1.68
N TYR A 136 -10.74 13.29 -1.68
CA TYR A 136 -9.45 13.92 -1.46
C TYR A 136 -9.67 14.88 -0.29
N SER A 137 -8.84 14.74 0.75
CA SER A 137 -9.06 15.45 2.00
C SER A 137 -7.81 15.99 2.59
N VAL A 138 -8.01 17.05 3.36
CA VAL A 138 -6.98 17.63 4.22
C VAL A 138 -7.56 17.70 5.63
N LEU A 139 -6.80 17.17 6.60
CA LEU A 139 -6.99 17.44 8.02
C LEU A 139 -5.88 18.42 8.45
N TRP A 140 -6.28 19.56 8.98
CA TRP A 140 -5.36 20.63 9.32
C TRP A 140 -5.68 21.04 10.76
N ASN A 141 -4.78 20.73 11.68
CA ASN A 141 -4.90 21.22 13.05
C ASN A 141 -3.59 21.83 13.54
N MET A 142 -3.56 22.22 14.81
CA MET A 142 -2.37 22.84 15.41
C MET A 142 -1.16 21.90 15.44
N TYR A 143 -1.39 20.60 15.32
CA TYR A 143 -0.32 19.60 15.39
C TYR A 143 0.26 19.19 14.06
N MET A 144 -0.57 19.12 13.02
CA MET A 144 -0.18 18.59 11.72
C MET A 144 -1.19 18.86 10.59
N ILE A 145 -0.71 18.67 9.37
CA ILE A 145 -1.53 18.60 8.18
C ILE A 145 -1.35 17.22 7.59
N VAL A 146 -2.47 16.53 7.38
CA VAL A 146 -2.50 15.24 6.74
C VAL A 146 -3.26 15.37 5.41
N PHE A 147 -2.66 14.87 4.34
CA PHE A 147 -3.32 14.77 3.02
C PHE A 147 -3.81 13.32 2.91
N LEU A 148 -5.08 13.13 2.55
CA LEU A 148 -5.68 11.81 2.42
C LEU A 148 -6.33 11.60 1.04
N VAL A 149 -6.15 10.41 0.51
CA VAL A 149 -6.84 9.95 -0.69
C VAL A 149 -7.65 8.79 -0.17
N ASP A 150 -8.97 8.95 -0.24
CA ASP A 150 -9.96 8.15 0.47
C ASP A 150 -9.51 8.05 1.94
N ASP A 151 -9.21 6.86 2.44
CA ASP A 151 -8.75 6.74 3.84
C ASP A 151 -7.23 6.51 3.97
N VAL A 152 -6.52 6.74 2.87
CA VAL A 152 -5.09 6.57 2.88
C VAL A 152 -4.33 7.87 3.03
N PRO A 153 -3.48 7.98 4.06
CA PRO A 153 -2.65 9.14 4.24
C PRO A 153 -1.52 9.09 3.19
N ILE A 154 -1.38 10.13 2.38
CA ILE A 154 -0.31 10.15 1.39
C ILE A 154 0.85 11.10 1.77
N ARG A 155 0.62 11.94 2.81
CA ARG A 155 1.57 12.89 3.27
C ARG A 155 1.18 13.45 4.61
N VAL A 156 2.19 13.76 5.41
CA VAL A 156 2.00 14.42 6.67
C VAL A 156 2.99 15.56 6.76
N PHE A 157 2.51 16.73 7.17
CA PHE A 157 3.36 17.89 7.45
C PHE A 157 3.13 18.28 8.89
N LYS A 158 4.11 18.00 9.76
CA LYS A 158 3.92 18.15 11.21
C LYS A 158 4.23 19.58 11.61
N ASN A 159 3.60 20.07 12.67
CA ASN A 159 3.97 21.36 13.29
C ASN A 159 5.31 21.20 14.01
N CYS A 160 6.38 21.65 13.37
CA CYS A 160 7.73 21.61 13.95
C CYS A 160 8.29 23.03 14.20
N LYS A 161 7.48 23.90 14.81
CA LYS A 161 7.94 25.26 15.12
C LYS A 161 9.08 25.20 16.15
N ASP A 162 9.04 24.18 17.01
CA ASP A 162 10.10 23.93 17.98
C ASP A 162 11.49 23.73 17.32
N LEU A 163 11.53 23.26 16.07
CA LEU A 163 12.80 23.16 15.32
C LEU A 163 13.06 24.34 14.39
N GLY A 164 12.34 25.44 14.56
CA GLY A 164 12.49 26.61 13.70
C GLY A 164 11.72 26.62 12.36
N VAL A 165 10.95 25.57 12.08
CA VAL A 165 10.22 25.44 10.81
C VAL A 165 8.83 26.05 10.87
N LYS A 166 8.48 26.82 9.85
CA LYS A 166 7.16 27.43 9.80
C LYS A 166 6.05 26.38 9.53
N PHE A 167 4.85 26.73 9.95
CA PHE A 167 3.64 25.88 9.85
C PHE A 167 2.42 26.80 9.65
N PRO A 168 1.39 26.46 8.86
CA PRO A 168 0.18 27.29 8.74
C PRO A 168 -0.55 27.28 10.06
N PHE A 169 -0.37 28.39 10.75
CA PHE A 169 -0.84 28.49 12.11
C PHE A 169 -1.82 29.61 12.46
N ASN A 170 -1.70 30.80 11.83
CA ASN A 170 -2.58 31.93 12.18
C ASN A 170 -3.08 32.74 11.00
N GLN A 171 -3.14 32.16 9.82
CA GLN A 171 -3.72 32.86 8.70
C GLN A 171 -4.88 32.02 8.21
N PRO A 172 -6.10 32.51 8.43
CA PRO A 172 -7.28 31.81 7.90
C PRO A 172 -7.15 31.58 6.38
N MET A 173 -7.60 30.42 5.91
CA MET A 173 -7.49 30.07 4.50
C MET A 173 -8.89 29.80 3.92
N LYS A 174 -9.02 30.09 2.62
CA LYS A 174 -10.17 29.67 1.83
C LYS A 174 -9.81 28.41 1.05
N ILE A 175 -10.83 27.69 0.61
CA ILE A 175 -10.65 26.50 -0.21
C ILE A 175 -10.94 26.94 -1.62
N TYR A 176 -10.08 26.52 -2.53
CA TYR A 176 -10.14 26.84 -3.93
C TYR A 176 -10.07 25.57 -4.74
N SER A 177 -10.69 25.61 -5.93
CA SER A 177 -10.45 24.60 -6.93
C SER A 177 -10.58 25.19 -8.33
N SER A 178 -9.83 24.63 -9.26
CA SER A 178 -9.80 25.14 -10.60
C SER A 178 -9.25 24.09 -11.56
N LEU A 179 -9.55 24.30 -12.82
CA LEU A 179 -9.09 23.50 -13.93
C LEU A 179 -8.53 24.46 -14.98
N TRP A 180 -7.24 24.27 -15.31
CA TRP A 180 -6.53 25.14 -16.24
C TRP A 180 -5.48 24.34 -17.03
N ASN A 181 -5.02 24.90 -18.12
CA ASN A 181 -3.98 24.33 -18.92
C ASN A 181 -2.68 24.72 -18.30
N ALA A 182 -1.74 23.85 -18.29
CA ALA A 182 -0.39 24.18 -17.86
C ALA A 182 0.55 23.34 -18.77
N ASP A 183 0.50 23.60 -20.09
CA ASP A 183 1.29 23.02 -21.18
C ASP A 183 2.80 22.98 -20.93
N ASP A 184 3.26 24.08 -20.31
CA ASP A 184 4.70 24.29 -20.05
C ASP A 184 5.33 23.27 -19.11
N TRP A 185 4.55 22.61 -18.24
CA TRP A 185 5.14 21.74 -17.22
C TRP A 185 4.36 20.51 -16.73
N ALA A 186 3.05 20.44 -16.98
CA ALA A 186 2.19 19.39 -16.37
C ALA A 186 2.50 17.97 -16.79
N THR A 187 2.63 17.74 -18.10
CA THR A 187 2.75 16.38 -18.59
C THR A 187 4.15 16.14 -19.17
N ARG A 188 4.82 15.14 -18.58
CA ARG A 188 6.19 14.75 -18.90
C ARG A 188 7.12 15.93 -18.90
N GLY A 189 7.00 16.78 -17.87
CA GLY A 189 7.83 17.96 -17.72
C GLY A 189 7.55 19.06 -18.72
N GLY A 190 6.44 18.94 -19.45
CA GLY A 190 6.09 19.92 -20.46
C GLY A 190 6.30 19.46 -21.90
N LEU A 191 6.67 18.19 -22.09
CA LEU A 191 6.87 17.63 -23.44
C LEU A 191 5.57 17.31 -24.15
N GLU A 192 4.58 16.83 -23.40
CA GLU A 192 3.25 16.55 -23.95
C GLU A 192 2.31 17.75 -23.82
N LYS A 193 1.95 18.34 -24.96
CA LYS A 193 1.13 19.55 -25.01
C LYS A 193 -0.32 19.18 -25.13
N THR A 194 -1.17 20.12 -24.82
CA THR A 194 -2.59 19.88 -24.86
C THR A 194 -3.07 19.75 -26.29
N ASP A 195 -3.91 18.75 -26.52
CA ASP A 195 -4.58 18.59 -27.78
C ASP A 195 -5.93 19.26 -27.68
N TRP A 196 -6.04 20.51 -28.12
CA TRP A 196 -7.28 21.28 -27.99
C TRP A 196 -8.46 20.77 -28.80
N SER A 197 -8.23 19.91 -29.79
CA SER A 197 -9.33 19.23 -30.48
C SER A 197 -10.03 18.22 -29.58
N LYS A 198 -9.45 17.93 -28.41
CA LYS A 198 -10.03 16.98 -27.46
C LYS A 198 -10.77 17.67 -26.33
N ALA A 199 -11.02 18.97 -26.47
CA ALA A 199 -11.76 19.75 -25.49
C ALA A 199 -13.24 19.57 -25.78
N PRO A 200 -14.13 19.80 -24.81
CA PRO A 200 -13.80 20.28 -23.46
C PRO A 200 -13.24 19.20 -22.52
N PHE A 201 -12.27 19.60 -21.70
CA PHE A 201 -11.76 18.76 -20.62
C PHE A 201 -12.66 19.02 -19.42
N ILE A 202 -13.22 17.95 -18.88
CA ILE A 202 -14.22 18.01 -17.84
C ILE A 202 -13.76 17.30 -16.52
N ALA A 203 -13.70 18.04 -15.41
CA ALA A 203 -13.44 17.49 -14.07
C ALA A 203 -14.72 17.59 -13.29
N SER A 204 -15.05 16.56 -12.53
CA SER A 204 -16.32 16.52 -11.80
C SER A 204 -16.12 16.43 -10.30
N TYR A 205 -17.06 17.00 -9.56
CA TYR A 205 -16.97 17.16 -8.14
C TYR A 205 -18.29 16.81 -7.48
N ARG A 206 -18.19 16.29 -6.25
CA ARG A 206 -19.29 16.08 -5.31
C ARG A 206 -18.83 16.34 -3.85
N SER A 207 -19.79 16.30 -2.93
CA SER A 207 -19.63 16.39 -1.46
C SER A 207 -19.40 17.79 -0.92
N PHE A 208 -18.30 18.46 -1.25
CA PHE A 208 -18.21 19.89 -0.92
C PHE A 208 -18.19 20.09 0.58
N HIS A 209 -17.57 19.14 1.28
CA HIS A 209 -17.61 19.07 2.74
C HIS A 209 -16.66 20.07 3.36
N ILE A 210 -17.20 20.96 4.18
CA ILE A 210 -16.35 21.81 5.02
C ILE A 210 -16.71 21.71 6.49
N ASP A 211 -15.79 21.22 7.30
CA ASP A 211 -15.95 21.19 8.74
C ASP A 211 -14.73 21.90 9.35
N GLY A 212 -14.89 23.18 9.64
CA GLY A 212 -13.78 23.99 10.06
C GLY A 212 -14.13 25.10 11.02
N CYS A 213 -13.06 25.66 11.60
CA CYS A 213 -13.13 26.83 12.46
C CYS A 213 -13.29 28.12 11.63
N GLU A 214 -14.51 28.59 11.47
CA GLU A 214 -14.76 29.85 10.78
C GLU A 214 -14.08 31.04 11.44
N ALA A 215 -13.23 31.72 10.69
CA ALA A 215 -12.43 32.81 11.21
C ALA A 215 -12.22 33.81 10.10
N SER A 216 -12.89 34.95 10.21
CA SER A 216 -12.84 36.02 9.19
C SER A 216 -11.41 36.50 8.85
N VAL A 217 -11.22 37.02 7.64
CA VAL A 217 -9.95 37.67 7.26
C VAL A 217 -9.75 38.95 8.14
N GLU A 218 -10.86 39.54 8.59
CA GLU A 218 -10.83 40.68 9.52
C GLU A 218 -10.61 40.27 10.99
N ALA A 219 -11.61 39.63 11.61
CA ALA A 219 -11.51 39.19 13.01
C ALA A 219 -10.29 38.26 13.21
N LYS A 220 -10.07 37.36 12.24
CA LYS A 220 -8.86 36.52 12.14
C LYS A 220 -8.73 35.42 13.22
N PHE A 221 -9.84 35.08 13.88
CA PHE A 221 -9.85 34.00 14.88
C PHE A 221 -11.22 33.35 15.05
N CYS A 222 -11.21 32.14 15.60
CA CYS A 222 -12.43 31.40 15.88
C CYS A 222 -12.60 31.19 17.38
N ALA A 223 -13.81 31.39 17.88
CA ALA A 223 -14.10 31.33 19.32
C ALA A 223 -14.03 29.91 19.94
N THR A 224 -14.34 28.87 19.16
CA THR A 224 -14.29 27.48 19.68
C THR A 224 -12.92 26.79 19.51
N GLN A 225 -11.85 27.57 19.33
CA GLN A 225 -10.50 27.05 19.02
C GLN A 225 -9.89 26.28 20.18
N GLY A 226 -9.27 25.13 19.87
CA GLY A 226 -8.64 24.28 20.86
C GLY A 226 -9.58 23.24 21.45
N ALA A 227 -10.87 23.39 21.14
CA ALA A 227 -11.99 22.59 21.69
C ALA A 227 -12.73 21.77 20.62
N ARG A 228 -12.26 21.78 19.38
CA ARG A 228 -12.95 21.05 18.31
C ARG A 228 -12.52 19.59 18.33
N TRP A 229 -13.23 18.72 17.63
CA TRP A 229 -12.84 17.31 17.62
C TRP A 229 -11.44 17.04 17.05
N TRP A 230 -10.98 17.86 16.10
CA TRP A 230 -9.63 17.71 15.56
C TRP A 230 -8.54 18.25 16.50
N ASP A 231 -8.93 18.84 17.63
CA ASP A 231 -7.98 19.33 18.65
C ASP A 231 -7.71 18.30 19.73
N GLN A 232 -8.40 17.17 19.69
CA GLN A 232 -8.26 16.13 20.68
C GLN A 232 -7.02 15.33 20.47
N LYS A 233 -6.63 14.70 21.53
CA LYS A 233 -5.38 14.03 21.55
C LYS A 233 -5.16 12.88 20.52
N GLU A 234 -6.24 12.25 20.06
CA GLU A 234 -6.18 11.21 19.03
C GLU A 234 -5.64 11.76 17.70
N PHE A 235 -5.70 13.08 17.52
CA PHE A 235 -5.29 13.73 16.27
C PHE A 235 -3.98 14.51 16.35
N GLN A 236 -3.17 14.23 17.37
CA GLN A 236 -1.84 14.81 17.48
C GLN A 236 -0.89 14.09 16.55
N ASP A 237 -1.24 12.86 16.18
CA ASP A 237 -0.39 12.03 15.30
C ASP A 237 -1.21 10.94 14.60
N LEU A 238 -0.65 10.39 13.52
CA LEU A 238 -1.18 9.16 12.92
C LEU A 238 -0.83 7.94 13.81
N ASP A 239 -1.69 6.94 13.82
CA ASP A 239 -1.39 5.65 14.47
C ASP A 239 -0.51 4.78 13.57
N ALA A 240 -0.12 3.61 14.07
CA ALA A 240 0.88 2.77 13.39
C ALA A 240 0.36 2.22 12.05
N PHE A 241 -0.94 1.95 11.98
CA PHE A 241 -1.55 1.42 10.77
C PHE A 241 -1.53 2.48 9.63
N GLN A 242 -1.90 3.71 9.96
CA GLN A 242 -1.86 4.84 9.05
C GLN A 242 -0.43 5.11 8.58
N TYR A 243 0.56 4.97 9.48
CA TYR A 243 1.96 5.17 9.09
C TYR A 243 2.44 4.10 8.14
N ARG A 244 1.93 2.88 8.28
CA ARG A 244 2.32 1.79 7.37
C ARG A 244 1.71 1.99 5.97
N ARG A 245 0.49 2.52 5.92
CA ARG A 245 -0.13 2.90 4.64
C ARG A 245 0.71 3.95 3.96
N LEU A 246 1.10 4.96 4.73
CA LEU A 246 1.90 6.05 4.23
C LEU A 246 3.22 5.56 3.68
N SER A 247 3.88 4.64 4.40
CA SER A 247 5.19 4.14 3.98
C SER A 247 5.02 3.32 2.71
N TRP A 248 3.91 2.63 2.57
CA TRP A 248 3.62 1.91 1.35
C TRP A 248 3.48 2.90 0.15
N VAL A 249 2.79 4.01 0.36
CA VAL A 249 2.70 5.08 -0.65
C VAL A 249 4.10 5.55 -0.98
N ARG A 250 4.89 5.78 0.06
CA ARG A 250 6.27 6.21 -0.11
C ARG A 250 7.11 5.21 -0.92
N GLN A 251 6.90 3.93 -0.68
CA GLN A 251 7.77 2.92 -1.28
C GLN A 251 7.37 2.50 -2.70
N LYS A 252 6.08 2.45 -2.98
CA LYS A 252 5.58 1.89 -4.25
C LYS A 252 4.92 2.91 -5.20
N TYR A 253 4.34 3.98 -4.67
CA TYR A 253 3.57 4.95 -5.48
C TYR A 253 4.22 6.31 -5.70
N THR A 254 5.34 6.57 -5.03
CA THR A 254 5.99 7.88 -5.06
C THR A 254 7.00 7.98 -6.17
N ILE A 255 6.89 8.99 -7.02
CA ILE A 255 7.87 9.18 -8.07
C ILE A 255 8.75 10.39 -7.87
N TYR A 256 8.37 11.30 -6.99
CA TYR A 256 9.22 12.43 -6.64
C TYR A 256 8.94 12.87 -5.21
N ASN A 257 9.99 13.15 -4.45
CA ASN A 257 9.84 13.52 -3.04
C ASN A 257 10.93 14.50 -2.65
N TYR A 258 10.52 15.73 -2.34
CA TYR A 258 11.47 16.80 -2.01
C TYR A 258 12.29 16.45 -0.76
N CYS A 259 11.70 15.67 0.14
CA CYS A 259 12.33 15.22 1.37
C CYS A 259 13.58 14.39 1.13
N THR A 260 13.50 13.46 0.18
CA THR A 260 14.64 12.59 -0.15
C THR A 260 15.42 13.10 -1.36
N ASP A 261 15.11 14.29 -1.84
CA ASP A 261 15.85 14.89 -2.93
C ASP A 261 17.06 15.65 -2.36
N ARG A 262 18.24 15.03 -2.46
CA ARG A 262 19.50 15.58 -1.93
C ARG A 262 20.26 16.47 -2.91
N SER A 263 19.79 16.51 -4.15
CA SER A 263 20.33 17.42 -5.18
C SER A 263 19.84 18.87 -5.02
N ARG A 264 18.57 19.05 -4.62
CA ARG A 264 18.00 20.39 -4.35
C ARG A 264 18.04 20.72 -2.86
N TYR A 265 18.00 19.69 -2.02
CA TYR A 265 17.93 19.83 -0.56
C TYR A 265 19.12 19.11 0.11
N PRO A 266 20.34 19.70 0.00
CA PRO A 266 21.55 19.13 0.62
C PRO A 266 21.31 18.88 2.11
N SER A 267 20.74 19.88 2.77
CA SER A 267 20.37 19.82 4.17
C SER A 267 18.90 19.41 4.25
N MET A 268 18.66 18.12 4.52
CA MET A 268 17.29 17.56 4.59
C MET A 268 16.28 18.47 5.33
N PRO A 269 15.03 18.61 4.87
CA PRO A 269 14.01 19.44 5.53
C PRO A 269 13.71 18.95 6.94
N PRO A 270 13.92 19.76 7.97
CA PRO A 270 13.73 19.34 9.36
C PRO A 270 12.46 18.50 9.64
N GLU A 271 11.41 18.68 8.83
CA GLU A 271 10.14 18.00 9.06
C GLU A 271 10.10 16.49 8.72
N CYS A 272 10.92 16.06 7.78
CA CYS A 272 10.92 14.68 7.28
C CYS A 272 10.85 13.50 8.25
N LYS A 273 11.76 13.47 9.22
CA LYS A 273 11.86 12.36 10.16
C LYS A 273 10.58 12.19 11.00
N ARG A 274 9.95 13.29 11.34
CA ARG A 274 8.69 13.35 12.10
C ARG A 274 7.52 12.86 11.22
N ASP A 275 7.55 13.26 9.94
CA ASP A 275 6.50 12.96 8.96
C ASP A 275 6.63 11.59 8.29
N ARG A 276 7.75 10.91 8.52
CA ARG A 276 8.09 9.62 7.93
C ARG A 276 8.12 9.67 6.38
N ASP A 277 8.55 10.82 5.85
CA ASP A 277 8.74 10.99 4.40
C ASP A 277 10.08 10.38 3.96
N ILE A 278 11.02 10.29 4.90
CA ILE A 278 12.29 9.58 4.68
C ILE A 278 12.13 8.04 4.65
N VAL B 15 -12.74 -21.83 9.33
CA VAL B 15 -13.19 -20.62 10.07
C VAL B 15 -13.39 -19.42 9.11
N ALA B 16 -13.90 -18.30 9.65
CA ALA B 16 -14.12 -17.09 8.85
C ALA B 16 -12.86 -16.22 8.81
N PHE B 17 -12.64 -15.61 7.65
CA PHE B 17 -11.58 -14.64 7.43
C PHE B 17 -11.55 -13.57 8.53
N GLY B 18 -12.71 -13.03 8.87
CA GLY B 18 -12.82 -11.84 9.70
C GLY B 18 -12.48 -12.06 11.16
N ARG B 19 -12.57 -13.29 11.60
CA ARG B 19 -12.12 -13.66 12.94
C ARG B 19 -10.59 -13.52 13.12
N ASN B 20 -9.81 -13.97 12.13
CA ASN B 20 -8.35 -14.06 12.28
C ASN B 20 -7.51 -13.02 11.52
N TYR B 21 -8.08 -12.48 10.44
CA TYR B 21 -7.38 -11.65 9.47
C TYR B 21 -8.08 -10.31 9.22
N VAL B 22 -7.30 -9.31 8.80
CA VAL B 22 -7.81 -8.03 8.36
C VAL B 22 -7.12 -7.64 7.04
N PRO B 23 -7.81 -6.88 6.18
CA PRO B 23 -7.19 -6.33 4.97
C PRO B 23 -6.02 -5.42 5.27
N THR B 24 -5.06 -5.36 4.36
CA THR B 24 -3.82 -4.59 4.49
C THR B 24 -3.82 -3.37 3.57
N TRP B 25 -4.38 -3.54 2.38
CA TRP B 25 -4.26 -2.58 1.31
C TRP B 25 -5.30 -2.89 0.25
N ALA B 26 -5.93 -1.84 -0.27
CA ALA B 26 -6.91 -1.93 -1.34
C ALA B 26 -8.02 -2.86 -0.96
N PHE B 27 -8.76 -2.45 0.08
CA PHE B 27 -9.81 -3.26 0.70
C PHE B 27 -10.84 -3.75 -0.31
N ASP B 28 -11.09 -2.95 -1.36
CA ASP B 28 -12.08 -3.30 -2.37
C ASP B 28 -11.60 -4.30 -3.44
N HIS B 29 -10.30 -4.63 -3.41
CA HIS B 29 -9.75 -5.73 -4.20
C HIS B 29 -9.87 -7.12 -3.53
N ILE B 30 -10.44 -7.17 -2.34
CA ILE B 30 -10.75 -8.41 -1.65
C ILE B 30 -12.26 -8.66 -1.67
N LYS B 31 -12.69 -9.74 -2.31
CA LYS B 31 -14.12 -10.09 -2.36
C LYS B 31 -14.42 -11.27 -1.44
N TYR B 32 -15.54 -11.18 -0.73
CA TYR B 32 -15.93 -12.14 0.29
C TYR B 32 -17.09 -13.02 -0.18
N PHE B 33 -16.99 -14.31 0.13
CA PHE B 33 -17.97 -15.34 -0.25
C PHE B 33 -18.31 -16.19 0.96
N ASN B 34 -19.58 -16.59 1.09
CA ASN B 34 -20.06 -17.46 2.19
C ASN B 34 -19.66 -16.99 3.58
N GLY B 35 -19.90 -15.72 3.85
CA GLY B 35 -19.62 -15.14 5.15
C GLY B 35 -18.13 -15.00 5.47
N GLY B 36 -17.31 -14.88 4.43
CA GLY B 36 -15.86 -14.87 4.57
C GLY B 36 -15.24 -16.25 4.81
N ASN B 37 -15.95 -17.31 4.44
CA ASN B 37 -15.33 -18.65 4.45
C ASN B 37 -14.46 -18.85 3.20
N GLU B 38 -14.67 -18.02 2.19
CA GLU B 38 -13.81 -17.97 1.00
C GLU B 38 -13.61 -16.48 0.61
N ILE B 39 -12.40 -16.13 0.15
CA ILE B 39 -12.12 -14.81 -0.41
C ILE B 39 -11.32 -14.87 -1.73
N GLN B 40 -11.44 -13.82 -2.52
CA GLN B 40 -10.61 -13.61 -3.67
C GLN B 40 -9.80 -12.33 -3.49
N LEU B 41 -8.55 -12.36 -3.97
CA LEU B 41 -7.66 -11.21 -4.01
C LEU B 41 -7.53 -10.90 -5.49
N HIS B 42 -7.72 -9.64 -5.84
CA HIS B 42 -7.71 -9.22 -7.23
C HIS B 42 -6.54 -8.32 -7.47
N LEU B 43 -5.85 -8.51 -8.59
CA LEU B 43 -4.75 -7.65 -8.98
C LEU B 43 -5.02 -7.03 -10.37
N ASP B 44 -4.81 -5.72 -10.48
CA ASP B 44 -4.81 -5.03 -11.78
C ASP B 44 -3.62 -4.10 -11.85
N LYS B 45 -3.52 -3.34 -12.94
CA LYS B 45 -2.32 -2.53 -13.20
C LYS B 45 -2.16 -1.39 -12.22
N TYR B 46 -3.21 -1.05 -11.51
CA TYR B 46 -3.14 0.04 -10.51
C TYR B 46 -2.61 -0.45 -9.16
N THR B 47 -3.00 -1.66 -8.78
CA THR B 47 -2.67 -2.18 -7.45
C THR B 47 -2.98 -3.67 -7.29
N GLY B 48 -2.18 -4.29 -6.42
CA GLY B 48 -2.54 -5.58 -5.86
C GLY B 48 -3.16 -5.38 -4.51
N THR B 49 -3.10 -6.41 -3.69
CA THR B 49 -3.82 -6.41 -2.44
C THR B 49 -3.26 -7.44 -1.49
N GLY B 50 -3.67 -7.37 -0.23
CA GLY B 50 -3.29 -8.38 0.72
C GLY B 50 -3.93 -8.22 2.08
N PHE B 51 -3.58 -9.14 2.96
CA PHE B 51 -4.13 -9.19 4.30
C PHE B 51 -3.07 -9.73 5.26
N GLN B 52 -3.37 -9.54 6.53
CA GLN B 52 -2.52 -9.95 7.63
C GLN B 52 -3.35 -10.44 8.79
N SER B 53 -2.73 -11.26 9.63
CA SER B 53 -3.37 -11.74 10.83
C SER B 53 -3.47 -10.62 11.86
N LYS B 54 -4.52 -10.69 12.68
CA LYS B 54 -4.73 -9.76 13.80
C LYS B 54 -3.66 -9.89 14.85
N GLY B 55 -3.38 -11.10 15.27
CA GLY B 55 -2.31 -11.34 16.23
C GLY B 55 -0.96 -11.70 15.63
N SER B 56 0.02 -11.79 16.53
CA SER B 56 1.35 -12.25 16.28
C SER B 56 1.57 -13.57 17.03
N TYR B 57 2.42 -14.44 16.50
CA TYR B 57 2.58 -15.80 17.02
C TYR B 57 4.03 -16.21 17.16
N LEU B 58 4.32 -17.01 18.19
CA LEU B 58 5.59 -17.66 18.32
C LEU B 58 5.38 -19.17 18.41
N PHE B 59 5.58 -19.85 17.27
CA PHE B 59 5.37 -21.28 17.09
C PHE B 59 3.92 -21.61 16.80
N GLY B 60 3.72 -22.67 16.02
CA GLY B 60 2.39 -23.15 15.72
C GLY B 60 2.28 -23.79 14.37
N HIS B 61 1.04 -24.02 13.99
CA HIS B 61 0.65 -24.62 12.74
C HIS B 61 -0.25 -23.65 12.01
N PHE B 62 0.17 -23.23 10.82
CA PHE B 62 -0.50 -22.22 10.03
C PHE B 62 -0.77 -22.76 8.64
N SER B 63 -2.01 -22.65 8.22
CA SER B 63 -2.47 -23.31 7.01
C SER B 63 -3.48 -22.45 6.26
N MET B 64 -3.36 -22.43 4.95
CA MET B 64 -4.35 -21.81 4.11
C MET B 64 -4.58 -22.72 2.92
N GLN B 65 -5.83 -22.77 2.50
CA GLN B 65 -6.24 -23.38 1.27
C GLN B 65 -6.21 -22.32 0.19
N MET B 66 -5.53 -22.59 -0.92
CA MET B 66 -5.39 -21.58 -1.96
C MET B 66 -5.58 -22.22 -3.32
N LYS B 67 -6.21 -21.46 -4.20
CA LYS B 67 -6.31 -21.79 -5.61
C LYS B 67 -5.76 -20.62 -6.34
N LEU B 68 -4.76 -20.87 -7.18
CA LEU B 68 -3.96 -19.81 -7.76
C LEU B 68 -4.60 -19.18 -9.00
N VAL B 69 -3.95 -18.15 -9.52
CA VAL B 69 -4.40 -17.40 -10.69
C VAL B 69 -4.42 -18.27 -11.98
N PRO B 70 -5.62 -18.49 -12.53
CA PRO B 70 -5.80 -19.32 -13.72
C PRO B 70 -5.38 -18.58 -14.99
N GLY B 71 -5.19 -19.31 -16.08
CA GLY B 71 -4.86 -18.70 -17.34
C GLY B 71 -3.47 -18.15 -17.36
N ASP B 72 -3.35 -16.99 -18.01
CA ASP B 72 -2.12 -16.23 -18.01
C ASP B 72 -1.98 -15.53 -16.64
N SER B 73 -0.94 -15.92 -15.89
CA SER B 73 -0.61 -15.35 -14.60
C SER B 73 0.81 -14.87 -14.58
N ALA B 74 1.37 -14.67 -15.78
CA ALA B 74 2.77 -14.32 -15.93
C ALA B 74 3.07 -12.96 -15.26
N GLY B 75 4.19 -12.90 -14.57
CA GLY B 75 4.63 -11.72 -13.87
C GLY B 75 3.97 -11.48 -12.53
N THR B 76 3.02 -12.31 -12.13
CA THR B 76 2.40 -12.17 -10.82
C THR B 76 3.05 -13.07 -9.79
N VAL B 77 2.98 -12.63 -8.54
CA VAL B 77 3.45 -13.37 -7.39
C VAL B 77 2.32 -13.35 -6.35
N THR B 78 1.94 -14.54 -5.89
CA THR B 78 1.02 -14.71 -4.78
C THR B 78 1.88 -15.25 -3.65
N ALA B 79 1.83 -14.57 -2.51
CA ALA B 79 2.68 -14.92 -1.38
C ALA B 79 1.86 -15.21 -0.17
N PHE B 80 2.30 -16.22 0.58
CA PHE B 80 1.71 -16.59 1.85
C PHE B 80 2.89 -16.80 2.75
N TYR B 81 2.99 -15.99 3.80
CA TYR B 81 4.19 -15.98 4.61
C TYR B 81 3.99 -15.51 6.04
N LEU B 82 4.94 -15.87 6.91
CA LEU B 82 5.04 -15.34 8.25
C LEU B 82 6.22 -14.43 8.34
N SER B 83 6.09 -13.33 9.06
CA SER B 83 7.20 -12.41 9.25
C SER B 83 7.06 -11.58 10.54
N SER B 84 8.18 -11.38 11.23
CA SER B 84 8.30 -10.35 12.28
C SER B 84 8.50 -8.97 11.63
N GLN B 85 8.36 -7.89 12.41
CA GLN B 85 8.35 -6.54 11.86
C GLN B 85 9.55 -5.67 12.24
N ASN B 86 10.45 -6.21 13.07
CA ASN B 86 11.63 -5.46 13.52
C ASN B 86 12.74 -5.52 12.46
N SER B 87 13.78 -4.66 12.67
CA SER B 87 14.97 -4.78 11.85
C SER B 87 15.59 -6.13 12.30
N GLU B 88 16.37 -6.87 11.47
CA GLU B 88 16.86 -8.16 11.89
C GLU B 88 15.67 -9.10 12.03
N HIS B 89 14.85 -9.14 11.00
CA HIS B 89 13.60 -9.93 11.02
C HIS B 89 13.76 -11.42 10.63
N ASP B 90 12.75 -12.19 11.08
CA ASP B 90 12.61 -13.60 10.79
C ASP B 90 11.44 -13.69 9.82
N GLU B 91 11.47 -14.65 8.90
CA GLU B 91 10.43 -14.79 7.90
C GLU B 91 10.43 -16.19 7.29
N ILE B 92 9.22 -16.72 7.05
CA ILE B 92 9.01 -18.03 6.44
C ILE B 92 8.06 -17.79 5.28
N ASP B 93 8.50 -18.07 4.05
CA ASP B 93 7.79 -17.63 2.84
C ASP B 93 7.42 -18.76 1.91
N PHE B 94 6.20 -18.68 1.36
CA PHE B 94 5.78 -19.34 0.12
C PHE B 94 5.56 -18.22 -0.90
N GLU B 95 6.13 -18.32 -2.10
CA GLU B 95 5.84 -17.36 -3.17
C GLU B 95 5.52 -18.15 -4.43
N PHE B 96 4.31 -17.99 -4.96
CA PHE B 96 3.87 -18.66 -6.18
C PHE B 96 4.08 -17.73 -7.37
N LEU B 97 4.93 -18.15 -8.30
CA LEU B 97 5.34 -17.36 -9.47
C LEU B 97 4.55 -17.85 -10.68
N GLY B 98 3.73 -16.96 -11.23
CA GLY B 98 2.82 -17.31 -12.29
C GLY B 98 3.52 -17.46 -13.63
N ASN B 99 2.73 -17.77 -14.65
CA ASN B 99 3.29 -18.10 -15.98
C ASN B 99 2.26 -17.91 -17.11
N ARG B 100 2.75 -17.83 -18.34
CA ARG B 100 1.89 -17.85 -19.53
C ARG B 100 0.97 -19.05 -19.50
N THR B 101 -0.17 -18.93 -20.19
CA THR B 101 -1.21 -19.97 -20.19
C THR B 101 -0.65 -21.35 -20.51
N GLY B 102 -1.11 -22.34 -19.74
CA GLY B 102 -0.64 -23.70 -19.88
C GLY B 102 0.80 -23.98 -19.46
N GLN B 103 1.53 -22.97 -18.96
CA GLN B 103 2.91 -23.16 -18.52
C GLN B 103 2.96 -23.20 -16.99
N PRO B 104 3.88 -23.96 -16.41
CA PRO B 104 3.82 -24.23 -14.96
C PRO B 104 4.22 -23.08 -14.02
N TYR B 105 3.42 -22.94 -12.97
CA TYR B 105 3.75 -22.20 -11.75
C TYR B 105 5.03 -22.75 -11.11
N ILE B 106 5.79 -21.85 -10.48
CA ILE B 106 6.85 -22.25 -9.57
C ILE B 106 6.39 -21.89 -8.15
N LEU B 107 6.67 -22.77 -7.20
CA LEU B 107 6.51 -22.47 -5.81
C LEU B 107 7.89 -22.25 -5.29
N GLN B 108 8.19 -20.99 -4.92
CA GLN B 108 9.44 -20.64 -4.24
C GLN B 108 9.25 -20.55 -2.73
N THR B 109 10.11 -21.21 -1.97
CA THR B 109 10.16 -21.03 -0.52
C THR B 109 11.44 -20.34 -0.12
N ASN B 110 11.41 -19.72 1.04
CA ASN B 110 12.56 -19.02 1.61
C ASN B 110 12.43 -18.99 3.12
N VAL B 111 13.56 -18.89 3.82
CA VAL B 111 13.62 -18.62 5.25
C VAL B 111 14.61 -17.47 5.57
N PHE B 112 14.15 -16.43 6.30
CA PHE B 112 15.01 -15.38 6.81
C PHE B 112 15.21 -15.57 8.33
N THR B 113 16.45 -15.39 8.77
CA THR B 113 16.85 -15.41 10.18
C THR B 113 17.78 -14.22 10.46
N GLY B 114 17.42 -13.37 11.41
CA GLY B 114 18.25 -12.22 11.76
C GLY B 114 18.51 -11.31 10.58
N GLY B 115 17.50 -11.12 9.75
CA GLY B 115 17.58 -10.23 8.61
C GLY B 115 18.15 -10.82 7.36
N LYS B 116 18.72 -12.02 7.45
CA LYS B 116 19.38 -12.68 6.34
C LYS B 116 18.53 -13.85 5.76
N GLY B 117 18.18 -13.74 4.49
CA GLY B 117 17.50 -14.80 3.75
C GLY B 117 18.43 -15.53 2.79
N ASP B 118 18.18 -15.36 1.50
CA ASP B 118 18.95 -16.04 0.45
C ASP B 118 18.96 -17.55 0.56
N ARG B 119 17.86 -18.14 1.09
CA ARG B 119 17.73 -19.58 1.16
C ARG B 119 16.59 -20.09 0.24
N GLU B 120 16.54 -19.60 -0.97
CA GLU B 120 15.45 -19.93 -1.89
C GLU B 120 15.52 -21.39 -2.38
N GLN B 121 14.36 -22.04 -2.43
CA GLN B 121 14.18 -23.26 -3.20
C GLN B 121 12.99 -23.08 -4.11
N ARG B 122 13.07 -23.63 -5.32
CA ARG B 122 11.96 -23.56 -6.26
C ARG B 122 11.57 -24.93 -6.73
N ILE B 123 10.27 -25.23 -6.67
CA ILE B 123 9.77 -26.49 -7.18
C ILE B 123 8.65 -26.23 -8.15
N TYR B 124 8.41 -27.23 -8.99
CA TYR B 124 7.15 -27.39 -9.71
C TYR B 124 6.25 -28.21 -8.84
N LEU B 125 4.95 -28.13 -9.10
CA LEU B 125 3.99 -28.92 -8.35
C LEU B 125 3.53 -30.17 -9.13
N TRP B 126 2.93 -31.11 -8.42
CA TRP B 126 2.47 -32.38 -8.99
C TRP B 126 0.95 -32.37 -9.26
N PHE B 127 0.41 -31.17 -9.53
CA PHE B 127 -0.99 -30.94 -9.86
C PHE B 127 -1.05 -29.52 -10.43
N ASP B 128 -2.20 -29.17 -10.99
CA ASP B 128 -2.46 -27.83 -11.52
C ASP B 128 -2.97 -27.01 -10.36
N PRO B 129 -2.14 -26.11 -9.81
CA PRO B 129 -2.58 -25.31 -8.65
C PRO B 129 -3.73 -24.32 -8.91
N THR B 130 -4.09 -24.15 -10.18
CA THR B 130 -5.16 -23.22 -10.54
C THR B 130 -6.51 -23.91 -10.61
N LYS B 131 -6.49 -25.28 -10.74
CA LYS B 131 -7.68 -26.20 -10.92
C LYS B 131 -8.53 -26.30 -9.67
N GLU B 132 -7.86 -26.48 -8.54
CA GLU B 132 -8.53 -26.72 -7.30
C GLU B 132 -7.80 -26.13 -6.11
N PHE B 133 -8.45 -26.16 -4.95
CA PHE B 133 -7.86 -25.68 -3.71
C PHE B 133 -6.94 -26.75 -3.13
N HIS B 134 -5.77 -26.34 -2.71
CA HIS B 134 -4.83 -27.17 -2.03
C HIS B 134 -4.40 -26.48 -0.76
N TYR B 135 -3.93 -27.28 0.23
CA TYR B 135 -3.42 -26.77 1.47
C TYR B 135 -1.92 -26.44 1.38
N TYR B 136 -1.55 -25.31 1.97
CA TYR B 136 -0.18 -24.87 2.06
C TYR B 136 -0.02 -24.51 3.50
N SER B 137 0.91 -25.17 4.18
CA SER B 137 1.12 -24.95 5.60
C SER B 137 2.54 -24.93 6.06
N VAL B 138 2.68 -24.42 7.26
CA VAL B 138 3.91 -24.33 7.94
C VAL B 138 3.71 -24.88 9.34
N LEU B 139 4.61 -25.76 9.75
CA LEU B 139 4.73 -26.13 11.14
C LEU B 139 6.01 -25.56 11.65
N TRP B 140 5.91 -24.80 12.73
CA TRP B 140 7.05 -24.08 13.29
C TRP B 140 7.11 -24.37 14.78
N ASN B 141 8.17 -25.06 15.20
CA ASN B 141 8.45 -25.30 16.62
C ASN B 141 9.91 -25.03 16.90
N MET B 142 10.35 -25.33 18.12
CA MET B 142 11.71 -24.97 18.51
C MET B 142 12.74 -25.86 17.82
N TYR B 143 12.30 -26.99 17.28
CA TYR B 143 13.19 -27.95 16.61
C TYR B 143 13.30 -27.78 15.09
N MET B 144 12.22 -27.36 14.44
CA MET B 144 12.23 -27.25 12.99
C MET B 144 11.06 -26.43 12.45
N ILE B 145 11.20 -26.07 11.18
CA ILE B 145 10.15 -25.50 10.38
C ILE B 145 9.92 -26.43 9.19
N VAL B 146 8.68 -26.86 9.01
CA VAL B 146 8.34 -27.71 7.88
C VAL B 146 7.37 -26.97 7.00
N PHE B 147 7.60 -27.01 5.69
CA PHE B 147 6.72 -26.45 4.68
C PHE B 147 6.00 -27.64 4.08
N LEU B 148 4.67 -27.58 4.00
CA LEU B 148 3.85 -28.68 3.48
C LEU B 148 2.88 -28.21 2.40
N VAL B 149 2.78 -29.00 1.34
CA VAL B 149 1.80 -28.88 0.30
C VAL B 149 0.95 -30.13 0.45
N ASP B 150 -0.33 -29.92 0.75
CA ASP B 150 -1.23 -30.92 1.33
C ASP B 150 -0.53 -31.67 2.47
N ASP B 151 -0.35 -32.98 2.35
CA ASP B 151 0.35 -33.74 3.40
C ASP B 151 1.84 -33.95 3.07
N VAL B 152 2.31 -33.36 1.96
CA VAL B 152 3.67 -33.56 1.51
C VAL B 152 4.65 -32.49 1.99
N PRO B 153 5.68 -32.90 2.75
CA PRO B 153 6.72 -31.98 3.13
C PRO B 153 7.57 -31.66 1.91
N ILE B 154 7.74 -30.37 1.61
CA ILE B 154 8.55 -29.97 0.46
C ILE B 154 9.88 -29.41 0.92
N ARG B 155 9.94 -29.16 2.21
CA ARG B 155 11.09 -28.56 2.78
C ARG B 155 11.14 -28.65 4.31
N VAL B 156 12.33 -28.85 4.89
CA VAL B 156 12.46 -28.80 6.34
C VAL B 156 13.66 -27.93 6.67
N PHE B 157 13.49 -27.01 7.60
CA PHE B 157 14.56 -26.16 8.08
C PHE B 157 14.75 -26.42 9.57
N LYS B 158 15.84 -27.09 9.93
CA LYS B 158 16.07 -27.50 11.30
C LYS B 158 16.82 -26.46 12.12
N ASN B 159 16.57 -26.47 13.42
CA ASN B 159 17.28 -25.63 14.37
C ASN B 159 18.58 -26.36 14.62
N CYS B 160 19.66 -25.92 13.97
CA CYS B 160 20.95 -26.53 14.16
C CYS B 160 21.94 -25.49 14.65
N LYS B 161 21.59 -25.01 15.87
CA LYS B 161 22.36 -23.99 16.62
C LYS B 161 23.77 -24.46 16.96
N ASP B 162 23.91 -25.75 17.21
CA ASP B 162 25.20 -26.36 17.53
C ASP B 162 26.18 -26.34 16.34
N LEU B 163 25.66 -26.09 15.13
CA LEU B 163 26.50 -25.81 13.95
C LEU B 163 26.62 -24.30 13.68
N GLY B 164 26.09 -23.49 14.58
CA GLY B 164 26.21 -22.05 14.49
C GLY B 164 25.20 -21.35 13.59
N VAL B 165 24.08 -22.01 13.28
CA VAL B 165 23.05 -21.42 12.42
C VAL B 165 21.92 -20.79 13.23
N LYS B 166 21.41 -19.67 12.75
CA LYS B 166 20.27 -19.02 13.39
C LYS B 166 18.97 -19.77 12.99
N PHE B 167 17.94 -19.50 13.76
CA PHE B 167 16.66 -20.17 13.62
C PHE B 167 15.65 -19.23 14.25
N PRO B 168 14.44 -19.09 13.67
CA PRO B 168 13.40 -18.25 14.29
C PRO B 168 12.87 -18.86 15.60
N PHE B 169 13.24 -18.26 16.73
CA PHE B 169 12.83 -18.79 18.04
C PHE B 169 12.37 -17.74 19.03
N ASN B 170 12.65 -16.46 18.78
CA ASN B 170 12.32 -15.42 19.76
C ASN B 170 11.72 -14.14 19.20
N GLN B 171 11.25 -14.16 17.95
CA GLN B 171 10.54 -13.02 17.35
C GLN B 171 9.16 -13.47 16.83
N PRO B 172 8.10 -13.07 17.54
CA PRO B 172 6.74 -13.41 17.11
C PRO B 172 6.43 -12.84 15.71
N MET B 173 5.63 -13.56 14.96
CA MET B 173 5.41 -13.26 13.56
C MET B 173 3.93 -13.14 13.32
N LYS B 174 3.57 -12.25 12.41
CA LYS B 174 2.23 -12.20 11.85
C LYS B 174 2.22 -13.02 10.57
N ILE B 175 1.03 -13.46 10.19
CA ILE B 175 0.80 -14.15 8.95
C ILE B 175 0.32 -13.14 7.93
N TYR B 176 0.84 -13.23 6.73
CA TYR B 176 0.49 -12.36 5.63
C TYR B 176 0.18 -13.14 4.37
N SER B 177 -0.65 -12.54 3.52
CA SER B 177 -0.76 -13.01 2.16
C SER B 177 -1.04 -11.83 1.25
N SER B 178 -0.58 -11.94 0.02
CA SER B 178 -0.69 -10.86 -0.93
C SER B 178 -0.56 -11.35 -2.36
N LEU B 179 -1.07 -10.54 -3.28
CA LEU B 179 -0.97 -10.73 -4.71
C LEU B 179 -0.50 -9.43 -5.32
N TRP B 180 0.62 -9.50 -6.02
CA TRP B 180 1.30 -8.33 -6.53
C TRP B 180 1.99 -8.67 -7.86
N ASN B 181 2.35 -7.66 -8.62
CA ASN B 181 3.10 -7.78 -9.84
C ASN B 181 4.60 -7.77 -9.50
N ALA B 182 5.31 -8.64 -10.20
CA ALA B 182 6.77 -8.77 -10.09
C ALA B 182 7.30 -9.10 -11.46
N ASP B 183 7.13 -8.17 -12.36
CA ASP B 183 7.49 -8.27 -13.77
C ASP B 183 8.97 -8.42 -13.98
N ASP B 184 9.81 -7.86 -13.11
CA ASP B 184 11.27 -7.89 -13.27
C ASP B 184 11.94 -9.24 -13.00
N TRP B 185 11.26 -10.17 -12.35
CA TRP B 185 11.91 -11.43 -12.02
C TRP B 185 11.01 -12.67 -11.94
N ALA B 186 9.70 -12.53 -11.93
CA ALA B 186 8.83 -13.64 -11.55
C ALA B 186 8.80 -14.79 -12.56
N THR B 187 8.63 -14.45 -13.83
CA THR B 187 8.33 -15.44 -14.86
C THR B 187 9.47 -15.47 -15.89
N ARG B 188 10.06 -16.66 -16.04
CA ARG B 188 11.25 -16.89 -16.86
C ARG B 188 12.35 -15.87 -16.57
N GLY B 189 12.61 -15.63 -15.27
CA GLY B 189 13.63 -14.70 -14.84
C GLY B 189 13.37 -13.23 -15.16
N GLY B 190 12.12 -12.87 -15.44
CA GLY B 190 11.79 -11.50 -15.79
C GLY B 190 11.53 -11.27 -17.27
N LEU B 191 11.75 -12.29 -18.09
CA LEU B 191 11.57 -12.19 -19.53
C LEU B 191 10.10 -12.12 -19.94
N GLU B 192 9.18 -12.76 -19.19
CA GLU B 192 7.76 -12.68 -19.50
C GLU B 192 7.06 -11.61 -18.65
N LYS B 193 6.58 -10.57 -19.31
CA LYS B 193 6.01 -9.41 -18.66
C LYS B 193 4.52 -9.62 -18.54
N THR B 194 3.91 -9.00 -17.53
CA THR B 194 2.49 -9.13 -17.31
C THR B 194 1.72 -8.54 -18.48
N ASP B 195 0.74 -9.29 -18.97
CA ASP B 195 -0.19 -8.82 -19.98
C ASP B 195 -1.40 -8.19 -19.27
N TRP B 196 -1.40 -6.88 -19.14
CA TRP B 196 -2.40 -6.19 -18.30
C TRP B 196 -3.82 -6.22 -18.88
N SER B 197 -3.98 -6.62 -20.14
CA SER B 197 -5.33 -6.85 -20.71
C SER B 197 -6.01 -8.10 -20.19
N LYS B 198 -5.25 -9.00 -19.58
CA LYS B 198 -5.82 -10.22 -18.99
C LYS B 198 -6.13 -10.05 -17.50
N ALA B 199 -6.10 -8.82 -16.97
CA ALA B 199 -6.52 -8.53 -15.60
C ALA B 199 -8.04 -8.54 -15.56
N PRO B 200 -8.68 -8.71 -14.40
CA PRO B 200 -8.03 -8.87 -13.10
C PRO B 200 -7.50 -10.29 -12.83
N PHE B 201 -6.35 -10.35 -12.18
CA PHE B 201 -5.71 -11.61 -11.80
C PHE B 201 -6.23 -11.97 -10.45
N ILE B 202 -6.83 -13.13 -10.32
CA ILE B 202 -7.58 -13.49 -9.12
C ILE B 202 -7.04 -14.75 -8.42
N ALA B 203 -6.63 -14.60 -7.16
CA ALA B 203 -6.21 -15.71 -6.31
C ALA B 203 -7.27 -15.94 -5.26
N SER B 204 -7.57 -17.21 -4.99
CA SER B 204 -8.61 -17.56 -4.03
C SER B 204 -8.12 -18.31 -2.83
N TYR B 205 -8.81 -18.09 -1.72
CA TYR B 205 -8.42 -18.56 -0.41
C TYR B 205 -9.60 -19.11 0.37
N ARG B 206 -9.30 -20.10 1.22
CA ARG B 206 -10.21 -20.67 2.22
C ARG B 206 -9.41 -21.11 3.46
N SER B 207 -10.17 -21.46 4.50
CA SER B 207 -9.70 -22.18 5.69
C SER B 207 -9.07 -21.26 6.73
N PHE B 208 -8.08 -20.46 6.36
CA PHE B 208 -7.68 -19.37 7.25
C PHE B 208 -7.40 -19.91 8.63
N HIS B 209 -6.70 -21.03 8.64
CA HIS B 209 -6.44 -21.80 9.85
C HIS B 209 -5.22 -21.31 10.61
N ILE B 210 -5.44 -20.94 11.87
CA ILE B 210 -4.34 -20.62 12.78
C ILE B 210 -4.43 -21.36 14.10
N ASP B 211 -3.40 -22.15 14.38
CA ASP B 211 -3.27 -22.80 15.66
C ASP B 211 -1.86 -22.51 16.15
N GLY B 212 -1.70 -21.40 16.87
CA GLY B 212 -0.41 -20.95 17.27
C GLY B 212 -0.39 -20.39 18.66
N CYS B 213 0.80 -20.18 19.19
CA CYS B 213 0.91 -19.57 20.47
C CYS B 213 0.95 -18.04 20.32
N GLU B 214 -0.17 -17.41 20.68
CA GLU B 214 -0.31 -15.96 20.64
C GLU B 214 0.79 -15.34 21.47
N ALA B 215 1.38 -14.27 20.96
CA ALA B 215 2.48 -13.62 21.67
C ALA B 215 2.46 -12.16 21.28
N SER B 216 2.67 -11.27 22.23
CA SER B 216 2.74 -9.85 21.91
C SER B 216 4.03 -9.59 21.10
N VAL B 217 3.97 -8.60 20.23
CA VAL B 217 5.07 -8.30 19.32
C VAL B 217 6.45 -8.20 20.00
N GLU B 218 6.49 -7.63 21.18
CA GLU B 218 7.80 -7.47 21.79
C GLU B 218 8.24 -8.68 22.63
N ALA B 219 7.36 -9.68 22.83
CA ALA B 219 7.68 -10.88 23.61
C ALA B 219 8.82 -11.68 23.00
N LYS B 220 9.62 -12.33 23.86
CA LYS B 220 10.78 -13.12 23.46
C LYS B 220 10.56 -14.62 23.62
N PHE B 221 9.41 -15.02 24.17
CA PHE B 221 9.12 -16.43 24.32
C PHE B 221 7.63 -16.73 24.42
N CYS B 222 7.32 -18.01 24.23
CA CYS B 222 5.95 -18.53 24.27
C CYS B 222 5.70 -18.99 25.72
N ALA B 223 4.63 -18.47 26.33
CA ALA B 223 4.27 -18.79 27.72
C ALA B 223 4.01 -20.29 27.96
N THR B 224 3.60 -21.00 26.91
CA THR B 224 3.26 -22.40 27.00
C THR B 224 4.25 -23.28 26.26
N GLN B 225 5.44 -22.74 26.02
CA GLN B 225 6.54 -23.47 25.40
C GLN B 225 6.80 -24.78 26.12
N GLY B 226 6.77 -25.88 25.37
CA GLY B 226 7.02 -27.20 25.91
C GLY B 226 5.76 -28.02 26.08
N ALA B 227 4.59 -27.39 26.13
CA ALA B 227 3.32 -28.08 26.38
C ALA B 227 2.39 -28.19 25.17
N ARG B 228 2.75 -27.54 24.05
CA ARG B 228 1.85 -27.53 22.89
C ARG B 228 1.97 -28.87 22.21
N TRP B 229 0.98 -29.26 21.43
CA TRP B 229 1.08 -30.54 20.73
C TRP B 229 2.29 -30.60 19.78
N TRP B 230 2.72 -29.45 19.23
CA TRP B 230 3.85 -29.42 18.31
C TRP B 230 5.18 -29.50 19.01
N ASP B 231 5.17 -29.42 20.34
CA ASP B 231 6.39 -29.57 21.15
C ASP B 231 6.68 -31.02 21.57
N GLN B 232 5.76 -31.93 21.27
CA GLN B 232 5.87 -33.31 21.73
C GLN B 232 6.88 -34.07 20.87
N LYS B 233 7.32 -35.23 21.37
CA LYS B 233 8.45 -35.96 20.79
C LYS B 233 8.28 -36.28 19.30
N GLU B 234 7.05 -36.54 18.88
CA GLU B 234 6.73 -36.95 17.52
C GLU B 234 6.98 -35.82 16.48
N PHE B 235 7.12 -34.58 16.94
CA PHE B 235 7.30 -33.41 16.07
C PHE B 235 8.66 -32.79 16.20
N GLN B 236 9.56 -33.49 16.89
CA GLN B 236 10.95 -33.08 16.92
C GLN B 236 11.67 -33.36 15.59
N ASP B 237 11.08 -34.21 14.75
CA ASP B 237 11.66 -34.55 13.44
C ASP B 237 10.58 -35.08 12.52
N LEU B 238 10.83 -35.07 11.22
CA LEU B 238 9.94 -35.77 10.29
C LEU B 238 10.08 -37.26 10.54
N ASP B 239 9.00 -38.02 10.35
CA ASP B 239 9.10 -39.48 10.37
C ASP B 239 9.52 -40.04 9.00
N ALA B 240 9.77 -41.35 8.95
CA ALA B 240 10.41 -41.96 7.79
C ALA B 240 9.55 -41.81 6.54
N PHE B 241 8.23 -41.84 6.69
CA PHE B 241 7.32 -41.72 5.56
C PHE B 241 7.37 -40.29 4.93
N GLN B 242 7.46 -39.29 5.79
CA GLN B 242 7.64 -37.90 5.40
C GLN B 242 8.96 -37.64 4.65
N TYR B 243 10.05 -38.24 5.14
CA TYR B 243 11.35 -38.10 4.49
C TYR B 243 11.34 -38.79 3.10
N ARG B 244 10.61 -39.88 2.93
CA ARG B 244 10.49 -40.46 1.60
C ARG B 244 9.76 -39.52 0.62
N ARG B 245 8.72 -38.83 1.09
CA ARG B 245 8.00 -37.90 0.21
C ARG B 245 8.89 -36.74 -0.14
N LEU B 246 9.61 -36.21 0.84
CA LEU B 246 10.52 -35.10 0.64
C LEU B 246 11.59 -35.47 -0.39
N SER B 247 12.07 -36.72 -0.34
CA SER B 247 13.08 -37.17 -1.30
C SER B 247 12.54 -37.15 -2.73
N TRP B 248 11.30 -37.57 -2.95
CA TRP B 248 10.69 -37.43 -4.28
C TRP B 248 10.62 -35.97 -4.75
N VAL B 249 10.33 -35.05 -3.82
CA VAL B 249 10.23 -33.64 -4.18
C VAL B 249 11.63 -33.15 -4.58
N ARG B 250 12.63 -33.52 -3.80
CA ARG B 250 13.99 -33.10 -4.07
C ARG B 250 14.51 -33.64 -5.40
N GLN B 251 14.20 -34.89 -5.73
CA GLN B 251 14.78 -35.52 -6.94
C GLN B 251 14.00 -35.26 -8.21
N LYS B 252 12.69 -35.09 -8.11
CA LYS B 252 11.85 -34.99 -9.29
C LYS B 252 11.20 -33.62 -9.55
N TYR B 253 11.03 -32.78 -8.52
CA TYR B 253 10.25 -31.54 -8.65
C TYR B 253 11.09 -30.26 -8.41
N THR B 254 12.34 -30.40 -8.00
CA THR B 254 13.12 -29.24 -7.60
C THR B 254 13.89 -28.69 -8.77
N ILE B 255 13.72 -27.40 -9.05
CA ILE B 255 14.47 -26.78 -10.13
C ILE B 255 15.52 -25.80 -9.68
N TYR B 256 15.49 -25.40 -8.41
CA TYR B 256 16.52 -24.55 -7.85
C TYR B 256 16.61 -24.85 -6.38
N ASN B 257 17.82 -25.00 -5.90
CA ASN B 257 18.10 -25.27 -4.52
C ASN B 257 19.33 -24.49 -4.09
N TYR B 258 19.17 -23.54 -3.17
CA TYR B 258 20.29 -22.73 -2.73
C TYR B 258 21.48 -23.56 -2.16
N CYS B 259 21.16 -24.71 -1.56
CA CYS B 259 22.12 -25.65 -0.97
C CYS B 259 23.21 -26.11 -1.94
N THR B 260 22.80 -26.35 -3.20
CA THR B 260 23.69 -26.83 -4.26
C THR B 260 24.10 -25.75 -5.26
N ASP B 261 23.76 -24.49 -5.01
CA ASP B 261 24.15 -23.41 -5.88
C ASP B 261 25.55 -22.93 -5.46
N ARG B 262 26.57 -23.46 -6.13
CA ARG B 262 27.97 -23.15 -5.76
C ARG B 262 28.44 -21.78 -6.27
N SER B 263 27.69 -21.17 -7.19
CA SER B 263 27.95 -19.78 -7.58
C SER B 263 27.50 -18.73 -6.54
N ARG B 264 26.64 -19.13 -5.61
CA ARG B 264 26.20 -18.22 -4.54
C ARG B 264 26.72 -18.68 -3.21
N TYR B 265 26.79 -20.00 -3.02
CA TYR B 265 27.28 -20.63 -1.80
C TYR B 265 28.46 -21.54 -2.16
N PRO B 266 29.65 -20.95 -2.28
CA PRO B 266 30.90 -21.70 -2.53
C PRO B 266 31.01 -22.96 -1.69
N SER B 267 30.59 -22.83 -0.45
CA SER B 267 30.53 -23.93 0.50
C SER B 267 29.07 -24.22 0.90
N MET B 268 28.78 -25.47 1.22
CA MET B 268 27.43 -25.91 1.55
C MET B 268 26.98 -25.30 2.88
N PRO B 269 25.89 -24.51 2.87
CA PRO B 269 25.38 -23.94 4.13
C PRO B 269 25.23 -25.08 5.14
N PRO B 270 25.56 -24.84 6.41
CA PRO B 270 25.68 -25.95 7.37
C PRO B 270 24.38 -26.73 7.61
N GLU B 271 23.22 -26.07 7.52
CA GLU B 271 21.93 -26.73 7.78
C GLU B 271 21.57 -27.82 6.76
N CYS B 272 22.15 -27.72 5.56
CA CYS B 272 21.68 -28.46 4.39
C CYS B 272 21.71 -29.98 4.52
N LYS B 273 22.75 -30.53 5.14
CA LYS B 273 22.82 -31.98 5.30
C LYS B 273 21.75 -32.52 6.25
N ARG B 274 21.58 -31.85 7.39
CA ARG B 274 20.54 -32.23 8.36
C ARG B 274 19.10 -32.04 7.79
N ASP B 275 18.94 -31.07 6.88
CA ASP B 275 17.65 -30.78 6.25
C ASP B 275 17.32 -31.79 5.11
N ARG B 276 18.29 -32.65 4.78
CA ARG B 276 18.23 -33.55 3.62
C ARG B 276 17.95 -32.83 2.31
N ASP B 277 18.48 -31.62 2.17
CA ASP B 277 18.44 -30.89 0.92
C ASP B 277 19.65 -31.23 0.01
N ILE B 278 20.50 -32.14 0.48
CA ILE B 278 21.69 -32.59 -0.27
C ILE B 278 22.18 -33.97 0.24
C1 NAG C . 2.31 10.38 -18.17
C2 NAG C . 2.80 10.36 -16.71
C3 NAG C . 4.33 10.25 -16.64
C4 NAG C . 4.82 9.04 -17.40
C5 NAG C . 4.13 8.97 -18.75
C6 NAG C . 4.43 7.64 -19.47
C7 NAG C . 2.52 12.76 -16.26
C8 NAG C . 1.63 13.78 -15.59
N2 NAG C . 2.31 11.50 -15.92
O3 NAG C . 4.77 10.17 -15.30
O4 NAG C . 6.21 9.23 -17.62
O5 NAG C . 2.72 9.14 -18.71
O6 NAG C . 3.95 7.82 -20.78
O7 NAG C . 3.35 13.15 -17.06
C1 NAG C . 7.02 8.25 -16.94
C2 NAG C . 8.39 8.13 -17.62
C3 NAG C . 9.28 7.09 -16.93
C4 NAG C . 9.32 7.31 -15.42
C5 NAG C . 7.89 7.56 -14.90
C6 NAG C . 7.90 7.89 -13.41
C7 NAG C . 8.25 8.68 -20.00
C8 NAG C . 7.95 8.14 -21.36
N2 NAG C . 8.22 7.79 -19.01
O3 NAG C . 10.61 7.14 -17.42
O4 NAG C . 9.79 6.12 -14.86
O5 NAG C . 7.30 8.62 -15.62
O6 NAG C . 8.62 9.10 -13.32
O7 NAG C . 8.52 9.87 -19.83
C1 BMA C . 10.87 6.26 -13.91
C2 BMA C . 11.04 4.87 -13.31
C3 BMA C . 12.10 4.91 -12.22
C4 BMA C . 13.39 5.47 -12.79
C5 BMA C . 13.16 6.77 -13.57
C6 BMA C . 14.44 7.14 -14.33
O2 BMA C . 11.42 3.98 -14.34
O3 BMA C . 12.30 3.64 -11.62
O4 BMA C . 14.24 5.70 -11.69
O5 BMA C . 12.08 6.69 -14.48
O6 BMA C . 14.18 8.19 -15.23
C1 NAG D . 7.06 -20.92 -16.88
C2 NAG D . 7.84 -21.60 -15.74
C3 NAG D . 9.31 -21.75 -16.15
C4 NAG D . 9.45 -22.43 -17.52
C5 NAG D . 8.46 -21.88 -18.53
C6 NAG D . 8.39 -22.77 -19.77
C7 NAG D . 8.04 -19.64 -14.26
C8 NAG D . 7.53 -18.96 -13.02
N2 NAG D . 7.67 -20.90 -14.46
O3 NAG D . 10.07 -22.46 -15.18
O4 NAG D . 10.77 -22.21 -17.97
O5 NAG D . 7.14 -21.78 -18.00
O6 NAG D . 7.81 -21.96 -20.76
O7 NAG D . 8.76 -19.02 -15.01
C1 NAG D . 11.55 -23.42 -18.07
C2 NAG D . 12.66 -23.26 -19.13
C3 NAG D . 13.48 -24.55 -19.20
C4 NAG D . 13.99 -24.92 -17.80
C5 NAG D . 12.80 -25.00 -16.85
C6 NAG D . 13.23 -25.37 -15.44
C7 NAG D . 12.07 -21.76 -20.95
C8 NAG D . 11.51 -21.65 -22.36
N2 NAG D . 12.07 -22.96 -20.42
O3 NAG D . 14.56 -24.39 -20.08
O4 NAG D . 14.64 -26.16 -17.87
O5 NAG D . 12.13 -23.76 -16.83
O6 NAG D . 14.05 -24.35 -14.91
O7 NAG D . 12.49 -20.76 -20.36
C1 BMA D . 15.98 -26.16 -17.37
C2 BMA D . 16.35 -27.63 -17.13
C3 BMA D . 17.78 -27.81 -16.68
C4 BMA D . 18.71 -27.01 -17.58
C5 BMA D . 18.25 -25.58 -17.88
C6 BMA D . 19.09 -25.04 -19.04
O2 BMA D . 16.20 -28.35 -18.33
O3 BMA D . 18.11 -29.19 -16.71
O4 BMA D . 19.97 -26.99 -16.93
O5 BMA D . 16.89 -25.54 -18.27
O6 BMA D . 18.75 -23.73 -19.43
AU AU E . 19.80 -29.66 13.28
#